data_7YCI
#
_entry.id   7YCI
#
_cell.length_a   1.00
_cell.length_b   1.00
_cell.length_c   1.00
_cell.angle_alpha   90.00
_cell.angle_beta   90.00
_cell.angle_gamma   90.00
#
_symmetry.space_group_name_H-M   'P 1'
#
loop_
_entity.id
_entity.type
_entity.pdbx_description
1 polymer "RNA (5'-R(*CP*CP*CP*UP*CP*U)-3')"
2 polymer 'RNA (389-MER)'
3 non-polymer "GUANOSINE-5'-TRIPHOSPHATE"
4 non-polymer 'MAGNESIUM ION'
#
loop_
_entity_poly.entity_id
_entity_poly.type
_entity_poly.pdbx_seq_one_letter_code
_entity_poly.pdbx_strand_id
1 'polyribonucleotide' CCCUCU B
2 'polyribonucleotide'
;GGUUUGGAGGGAAAAGUUAUCAGGCAUGCACCUGGUAGCUAGUCUUUAAACCAAUAGAUUGCAUCGGUUUAAAAGGCAAG
ACCGUCAAAUUGCGGGAAAGGGGUCAACAGCCGUUCAGUACCAAGUCUCAGGGGAAACUUUGAGAUGGCCUUGCAAAGGG
UAUGGUAAUAAGCUGACGGACAUGGUCCUAACCACGCAGCCAAGUCCUAAGUCAACAGAUCUUCUGUUGAUAUGGAUGCA
GUUCACAGACUAAAUGUCGGUCGGGGAAGAUGUAUUCUUCUCAUAAGAUAUAGUCGGACCUCUCCUUAAUGGGAGCUAGC
GGAUGAAGUGAUGCAACACUGGAGCCGCUGGGAACUAAUUUGUAUGCGAAAGUAUAUUGAUUAGUUUUGGAGU
;
N
#
loop_
_chem_comp.id
_chem_comp.type
_chem_comp.name
_chem_comp.formula
A RNA linking ADENOSINE-5'-MONOPHOSPHATE 'C10 H14 N5 O7 P'
C RNA linking CYTIDINE-5'-MONOPHOSPHATE 'C9 H14 N3 O8 P'
G RNA linking GUANOSINE-5'-MONOPHOSPHATE 'C10 H14 N5 O8 P'
GTP non-polymer GUANOSINE-5'-TRIPHOSPHATE 'C10 H16 N5 O14 P3'
MG non-polymer 'MAGNESIUM ION' 'Mg 2'
U RNA linking URIDINE-5'-MONOPHOSPHATE 'C9 H13 N2 O9 P'
#
# COMPACT_ATOMS: atom_id res chain seq x y z
PG GTP C . 2.57 -0.75 4.24
O1G GTP C . 3.03 -2.11 3.78
O2G GTP C . 2.70 -0.65 5.73
O3G GTP C . 1.14 -0.52 3.85
O3B GTP C . 3.50 0.37 3.55
PB GTP C . 3.62 0.46 1.94
O1B GTP C . 4.47 1.64 1.55
O2B GTP C . 4.19 -0.82 1.38
O3A GTP C . 2.11 0.69 1.44
PA GTP C . 1.40 2.14 1.54
O1A GTP C . -0.07 1.99 1.80
O2A GTP C . 2.06 2.97 2.63
O5' GTP C . 1.65 2.79 0.10
C5' GTP C . 2.18 2.03 -0.96
C4' GTP C . 1.11 1.64 -1.97
O4' GTP C . 0.76 0.28 -1.79
C3' GTP C . -0.16 2.44 -1.80
O3' GTP C . -0.21 3.51 -2.71
C2' GTP C . -1.27 1.45 -2.11
O2' GTP C . -1.79 1.69 -3.39
C1' GTP C . -0.61 0.08 -2.05
N9 GTP C . -1.20 -0.73 -0.97
C8 GTP C . -1.23 -0.37 0.36
N7 GTP C . -1.85 -1.36 1.05
C5 GTP C . -2.20 -2.34 0.19
C6 GTP C . -2.85 -3.56 0.38
O6 GTP C . -3.21 -3.89 1.51
N1 GTP C . -3.08 -4.37 -0.70
C2 GTP C . -2.69 -3.98 -1.96
N2 GTP C . -2.92 -4.77 -3.01
N3 GTP C . -2.04 -2.76 -2.14
C4 GTP C . -1.80 -1.96 -1.08
MG MG D . -2.54 6.49 -4.30
MG MG E . -0.83 1.10 -9.30
MG MG F . -3.95 1.20 3.25
#